data_2NW2
#
_entry.id   2NW2
#
_cell.length_a   46.564
_cell.length_b   84.163
_cell.length_c   59.270
_cell.angle_alpha   90.00
_cell.angle_beta   107.34
_cell.angle_gamma   90.00
#
_symmetry.space_group_name_H-M   'P 1 21 1'
#
loop_
_entity.id
_entity.type
_entity.pdbx_description
1 polymer 'ELS4 TCR alpha chain'
2 polymer 'ELS4 TCR beta chain'
3 water water
#
loop_
_entity_poly.entity_id
_entity_poly.type
_entity_poly.pdbx_seq_one_letter_code
_entity_poly.pdbx_strand_id
1 'polypeptide(L)'
;QNIDQPTEMTATEGAIVQINCTYQTSGFNGLFWYQQHAGEAPTFLSYNVLDGLEEKGRFSSFLSRSKGYSYLLLKELQMK
DSASYLCAVQASGGSYIPTFGRGTSLIVHPYIQNPDPAVYQLRDSKSSDKSVCLFTDFDSQTNVSQSKDSDVYITDKCVL
DMRSMDFKSNSAVAWSNKSDFACANAFNNSIIPEDTFFPS
;
A
2 'polypeptide(L)'
;DAGITQSPRHKVTETGTPVTLRCHQTENHRYMYWYRQDPGHGLRLIHYSYGVKDTDKGEVSDGYSVSRSKTEDFLLTLES
ATSSQTSVYFCATGTGDSNQPQHFGDGTRLSILEDLNKVFPPEVAVFEPSEAEISHTQKATLVCLATGFFPDHVELSWWV
NGKEVHSGVCTDPQPLKEQPALNDSRYALSSRLRVSATFWQNPRNHFRCQVQFYGLSENDEWTQDRAKPVTQIVSAEAWG
RAD
;
B
#
# COMPACT_ATOMS: atom_id res chain seq x y z
N GLN A 1 8.63 -8.69 24.67
CA GLN A 1 8.96 -9.97 23.94
C GLN A 1 10.25 -9.87 23.10
N ASN A 2 10.87 -8.68 23.09
CA ASN A 2 12.18 -8.46 22.46
C ASN A 2 12.26 -8.98 21.02
N ILE A 3 11.29 -8.60 20.18
CA ILE A 3 11.16 -9.18 18.84
C ILE A 3 12.02 -8.42 17.85
N ASP A 4 12.77 -9.15 17.01
CA ASP A 4 13.57 -8.54 15.95
C ASP A 4 13.38 -9.31 14.65
N GLN A 5 13.14 -8.59 13.56
CA GLN A 5 13.07 -9.19 12.21
C GLN A 5 13.58 -8.15 11.19
N PRO A 6 14.05 -8.60 10.03
CA PRO A 6 14.63 -7.66 9.06
C PRO A 6 13.59 -6.70 8.50
N THR A 7 14.04 -5.52 8.09
CA THR A 7 13.13 -4.52 7.52
C THR A 7 12.58 -4.96 6.17
N GLU A 8 13.46 -5.47 5.32
CA GLU A 8 13.08 -5.73 3.94
C GLU A 8 13.92 -6.86 3.35
N MET A 9 13.30 -7.63 2.44
CA MET A 9 13.96 -8.69 1.70
C MET A 9 13.44 -8.68 0.27
N THR A 10 14.25 -9.18 -0.65
CA THR A 10 13.90 -9.26 -2.06
C THR A 10 14.22 -10.68 -2.54
N ALA A 11 13.34 -11.23 -3.38
CA ALA A 11 13.54 -12.55 -3.94
C ALA A 11 12.87 -12.62 -5.31
N THR A 12 13.15 -13.66 -6.07
CA THR A 12 12.62 -13.79 -7.42
C THR A 12 11.55 -14.86 -7.45
N GLU A 13 10.51 -14.66 -8.27
CA GLU A 13 9.48 -15.67 -8.37
C GLU A 13 10.05 -17.07 -8.66
N GLY A 14 9.46 -18.05 -8.00
CA GLY A 14 9.89 -19.44 -8.14
C GLY A 14 10.94 -19.86 -7.12
N ALA A 15 11.52 -18.90 -6.41
CA ALA A 15 12.57 -19.18 -5.43
C ALA A 15 12.01 -19.54 -4.05
N ILE A 16 12.92 -19.85 -3.12
CA ILE A 16 12.59 -20.12 -1.72
C ILE A 16 13.16 -18.94 -0.94
N VAL A 17 12.38 -18.45 0.04
CA VAL A 17 12.83 -17.39 0.91
C VAL A 17 12.52 -17.74 2.36
N GLN A 18 13.44 -17.35 3.23
CA GLN A 18 13.37 -17.62 4.64
C GLN A 18 13.30 -16.28 5.39
N ILE A 19 12.20 -16.05 6.13
CA ILE A 19 12.04 -14.82 6.91
C ILE A 19 12.28 -15.15 8.38
N ASN A 20 13.33 -14.55 8.92
CA ASN A 20 13.82 -14.88 10.26
C ASN A 20 13.30 -13.94 11.32
N CYS A 21 12.95 -14.47 12.49
CA CYS A 21 12.48 -13.67 13.61
C CYS A 21 13.12 -14.19 14.89
N THR A 22 13.62 -13.30 15.73
CA THR A 22 14.12 -13.68 17.05
C THR A 22 13.32 -12.96 18.12
N TYR A 23 13.22 -13.57 19.30
CA TYR A 23 12.42 -13.01 20.41
C TYR A 23 13.02 -13.53 21.71
N GLN A 24 12.67 -12.87 22.81
CA GLN A 24 12.99 -13.39 24.14
C GLN A 24 11.88 -12.98 25.09
N THR A 25 11.30 -13.96 25.75
CA THR A 25 10.19 -13.67 26.66
C THR A 25 10.13 -14.70 27.78
N SER A 26 9.67 -14.23 28.94
CA SER A 26 9.23 -15.14 29.99
C SER A 26 7.82 -15.60 29.64
N GLY A 27 7.48 -16.82 30.06
CA GLY A 27 6.13 -17.36 29.87
C GLY A 27 5.75 -17.47 28.40
N PHE A 28 6.63 -18.07 27.60
CA PHE A 28 6.37 -18.26 26.18
C PHE A 28 5.12 -19.10 25.99
N ASN A 29 4.20 -18.58 25.18
CA ASN A 29 2.92 -19.22 24.90
C ASN A 29 2.65 -19.27 23.41
N GLY A 30 3.69 -19.20 22.58
CA GLY A 30 3.52 -19.37 21.16
C GLY A 30 3.93 -18.16 20.34
N LEU A 31 4.11 -18.44 19.05
CA LEU A 31 4.56 -17.44 18.10
C LEU A 31 3.69 -17.55 16.85
N PHE A 32 3.19 -16.41 16.37
CA PHE A 32 2.35 -16.34 15.18
C PHE A 32 3.11 -15.69 14.02
N TRP A 33 2.80 -16.11 12.80
CA TRP A 33 3.16 -15.34 11.60
C TRP A 33 1.89 -14.86 10.93
N TYR A 34 1.89 -13.58 10.52
CA TYR A 34 0.80 -12.97 9.75
C TYR A 34 1.38 -12.41 8.45
N GLN A 35 0.54 -12.40 7.41
CA GLN A 35 0.86 -11.72 6.16
C GLN A 35 0.06 -10.43 6.09
N GLN A 36 0.69 -9.34 5.66
CA GLN A 36 -0.03 -8.08 5.50
C GLN A 36 0.30 -7.42 4.16
N HIS A 37 -0.65 -7.47 3.24
CA HIS A 37 -0.52 -6.70 2.02
C HIS A 37 -0.67 -5.21 2.36
N ALA A 38 0.10 -4.37 1.69
CA ALA A 38 0.11 -2.91 1.93
C ALA A 38 -1.32 -2.34 2.05
N GLY A 39 -1.64 -1.73 3.20
CA GLY A 39 -3.04 -1.39 3.59
C GLY A 39 -3.90 -2.35 2.80
N GLU A 40 -3.99 -3.62 3.23
CA GLU A 40 -5.01 -4.02 4.17
C GLU A 40 -4.71 -4.84 5.43
N ALA A 41 -5.70 -5.66 5.79
CA ALA A 41 -5.74 -6.42 7.03
C ALA A 41 -4.64 -7.46 7.05
N PRO A 42 -3.89 -7.52 8.17
CA PRO A 42 -3.04 -8.70 8.37
C PRO A 42 -3.89 -9.96 8.46
N THR A 43 -3.36 -11.06 7.92
CA THR A 43 -4.07 -12.34 7.97
C THR A 43 -3.15 -13.43 8.50
N PHE A 44 -3.73 -14.33 9.28
CA PHE A 44 -3.00 -15.42 9.94
C PHE A 44 -2.36 -16.37 8.94
N LEU A 45 -1.09 -16.67 9.18
CA LEU A 45 -0.41 -17.74 8.44
C LEU A 45 -0.16 -18.98 9.27
N SER A 46 0.37 -18.78 10.48
CA SER A 46 0.76 -19.92 11.30
C SER A 46 0.87 -19.59 12.79
N TYR A 47 0.74 -20.64 13.60
CA TYR A 47 1.00 -20.58 15.04
C TYR A 47 1.90 -21.74 15.42
N ASN A 48 2.98 -21.46 16.14
CA ASN A 48 3.88 -22.51 16.61
C ASN A 48 4.13 -22.33 18.09
N VAL A 49 4.05 -23.42 18.84
CA VAL A 49 4.36 -23.40 20.27
C VAL A 49 5.35 -24.51 20.66
N LEU A 50 5.33 -25.61 19.91
CA LEU A 50 6.29 -26.70 20.10
C LEU A 50 7.46 -26.51 19.15
N ASP A 51 8.64 -27.01 19.53
CA ASP A 51 9.80 -26.97 18.64
C ASP A 51 9.59 -27.76 17.36
N GLY A 52 10.16 -27.28 16.27
CA GLY A 52 10.18 -28.04 15.03
C GLY A 52 9.68 -27.29 13.81
N LEU A 53 9.69 -27.99 12.68
CA LEU A 53 9.23 -27.46 11.40
C LEU A 53 7.83 -27.98 11.11
N GLU A 54 6.90 -27.07 10.82
CA GLU A 54 5.51 -27.38 10.51
C GLU A 54 5.20 -26.92 9.11
N GLU A 55 4.71 -27.83 8.26
CA GLU A 55 4.46 -27.52 6.86
C GLU A 55 2.97 -27.29 6.60
N LYS A 56 2.66 -26.21 5.87
CA LYS A 56 1.30 -25.87 5.45
C LYS A 56 1.29 -25.39 4.01
N GLY A 57 1.15 -26.32 3.08
CA GLY A 57 1.18 -26.00 1.66
C GLY A 57 2.56 -25.54 1.24
N ARG A 58 2.61 -24.39 0.59
CA ARG A 58 3.87 -23.81 0.09
C ARG A 58 4.70 -23.19 1.21
N PHE A 59 4.09 -22.97 2.38
CA PHE A 59 4.75 -22.26 3.49
C PHE A 59 5.05 -23.23 4.61
N SER A 60 6.16 -23.01 5.28
CA SER A 60 6.49 -23.78 6.48
C SER A 60 6.86 -22.80 7.58
N SER A 61 6.67 -23.18 8.83
CA SER A 61 7.07 -22.34 9.95
C SER A 61 7.86 -23.16 10.94
N PHE A 62 9.02 -22.64 11.35
CA PHE A 62 9.91 -23.32 12.26
C PHE A 62 10.01 -22.60 13.58
N LEU A 63 10.13 -23.34 14.67
CA LEU A 63 10.40 -22.74 15.96
C LEU A 63 11.51 -23.47 16.71
N SER A 64 12.41 -22.70 17.32
CA SER A 64 13.35 -23.16 18.35
C SER A 64 13.17 -22.32 19.60
N ARG A 65 12.58 -22.91 20.64
CA ARG A 65 12.33 -22.19 21.87
C ARG A 65 13.62 -21.78 22.63
N SER A 66 14.61 -22.67 22.63
CA SER A 66 15.88 -22.39 23.32
C SER A 66 16.64 -21.22 22.68
N LYS A 67 16.62 -21.15 21.35
CA LYS A 67 17.27 -20.03 20.63
C LYS A 67 16.37 -18.79 20.52
N GLY A 68 15.10 -18.93 20.86
CA GLY A 68 14.12 -17.86 20.65
C GLY A 68 14.12 -17.44 19.21
N TYR A 69 13.99 -18.42 18.33
CA TYR A 69 14.14 -18.21 16.89
C TYR A 69 13.00 -18.89 16.16
N SER A 70 12.39 -18.17 15.22
CA SER A 70 11.44 -18.76 14.29
C SER A 70 11.76 -18.29 12.87
N TYR A 71 11.48 -19.14 11.88
CA TYR A 71 11.45 -18.63 10.51
C TYR A 71 10.20 -19.08 9.79
N LEU A 72 9.78 -18.24 8.84
CA LEU A 72 8.75 -18.58 7.90
C LEU A 72 9.46 -18.89 6.58
N LEU A 73 9.18 -20.05 6.01
CA LEU A 73 9.80 -20.50 4.78
C LEU A 73 8.74 -20.47 3.68
N LEU A 74 8.97 -19.66 2.66
CA LEU A 74 8.07 -19.59 1.51
CA LEU A 74 8.07 -19.58 1.50
C LEU A 74 8.72 -20.28 0.31
N LYS A 75 8.06 -21.32 -0.19
CA LYS A 75 8.56 -22.03 -1.37
C LYS A 75 7.77 -21.64 -2.61
N GLU A 76 8.37 -21.88 -3.78
CA GLU A 76 7.72 -21.64 -5.09
C GLU A 76 7.10 -20.25 -5.09
N LEU A 77 7.93 -19.25 -4.79
CA LEU A 77 7.45 -17.88 -4.59
CA LEU A 77 7.47 -17.89 -4.59
C LEU A 77 6.61 -17.36 -5.74
N GLN A 78 5.54 -16.65 -5.39
CA GLN A 78 4.62 -16.09 -6.36
C GLN A 78 4.59 -14.57 -6.21
N MET A 79 4.20 -13.86 -7.27
CA MET A 79 4.04 -12.41 -7.17
C MET A 79 3.14 -12.01 -6.00
N LYS A 80 2.08 -12.78 -5.77
CA LYS A 80 1.12 -12.50 -4.70
C LYS A 80 1.73 -12.63 -3.30
N ASP A 81 2.93 -13.20 -3.21
CA ASP A 81 3.62 -13.28 -1.92
C ASP A 81 4.29 -11.97 -1.52
N SER A 82 4.32 -10.97 -2.43
CA SER A 82 4.80 -9.65 -2.08
CA SER A 82 4.80 -9.65 -2.09
C SER A 82 3.88 -9.06 -1.03
N ALA A 83 4.44 -8.82 0.16
CA ALA A 83 3.68 -8.40 1.33
C ALA A 83 4.66 -8.18 2.45
N SER A 84 4.15 -7.64 3.56
CA SER A 84 4.89 -7.69 4.81
C SER A 84 4.53 -8.95 5.60
N TYR A 85 5.51 -9.46 6.32
CA TYR A 85 5.35 -10.66 7.14
C TYR A 85 5.67 -10.28 8.56
N LEU A 86 4.69 -10.50 9.45
CA LEU A 86 4.77 -10.05 10.82
C LEU A 86 4.94 -11.24 11.75
N CYS A 87 5.98 -11.20 12.58
CA CYS A 87 6.21 -12.16 13.66
CA CYS A 87 6.06 -12.22 13.64
C CYS A 87 5.55 -11.59 14.92
N ALA A 88 4.76 -12.38 15.63
CA ALA A 88 4.09 -11.92 16.83
C ALA A 88 4.23 -12.95 17.93
N VAL A 89 4.56 -12.51 19.13
CA VAL A 89 4.89 -13.45 20.22
C VAL A 89 3.85 -13.32 21.31
N GLN A 90 3.20 -14.43 21.65
CA GLN A 90 2.08 -14.45 22.63
C GLN A 90 2.61 -13.94 23.98
N ALA A 91 1.87 -13.14 24.78
CA ALA A 91 0.60 -13.84 25.56
C GLY A 93 -1.56 -11.71 31.27
N GLY A 94 -2.07 -10.48 31.42
CA GLY A 94 -3.47 -10.24 31.76
C GLY A 94 -4.49 -10.66 30.72
N SER A 95 -4.02 -10.82 29.48
CA SER A 95 -4.86 -11.27 28.37
C SER A 95 -3.95 -11.89 27.31
N TYR A 96 -4.45 -12.88 26.58
CA TYR A 96 -3.67 -13.46 25.48
C TYR A 96 -3.71 -12.53 24.28
N ILE A 97 -2.73 -11.63 24.23
CA ILE A 97 -2.58 -10.67 23.12
C ILE A 97 -1.11 -10.70 22.73
N PRO A 98 -0.77 -11.18 21.53
CA PRO A 98 0.64 -11.20 21.14
C PRO A 98 1.19 -9.80 20.90
N THR A 99 2.48 -9.64 21.14
CA THR A 99 3.22 -8.43 20.76
C THR A 99 3.67 -8.60 19.31
N PHE A 100 3.45 -7.59 18.47
CA PHE A 100 3.83 -7.66 17.07
C PHE A 100 5.22 -7.09 16.79
N GLY A 101 5.98 -7.82 15.99
CA GLY A 101 7.23 -7.30 15.45
C GLY A 101 7.00 -6.19 14.45
N ARG A 102 8.08 -5.55 14.03
CA ARG A 102 7.99 -4.43 13.09
C ARG A 102 7.61 -4.84 11.68
N GLY A 103 7.78 -6.12 11.36
CA GLY A 103 7.44 -6.65 10.04
C GLY A 103 8.61 -6.62 9.08
N THR A 104 8.60 -7.59 8.17
CA THR A 104 9.55 -7.67 7.10
C THR A 104 8.82 -7.51 5.79
N SER A 105 9.20 -6.50 5.01
CA SER A 105 8.60 -6.32 3.68
C SER A 105 9.33 -7.19 2.67
N LEU A 106 8.58 -8.08 2.01
CA LEU A 106 9.15 -8.95 0.98
C LEU A 106 8.74 -8.42 -0.38
N ILE A 107 9.73 -8.13 -1.23
CA ILE A 107 9.50 -7.71 -2.61
C ILE A 107 9.81 -8.90 -3.50
N VAL A 108 8.81 -9.36 -4.25
CA VAL A 108 9.03 -10.47 -5.19
C VAL A 108 9.25 -9.88 -6.60
N HIS A 109 10.38 -10.26 -7.21
CA HIS A 109 10.70 -9.82 -8.57
C HIS A 109 10.18 -10.83 -9.58
N PRO A 110 9.59 -10.37 -10.69
CA PRO A 110 9.15 -11.31 -11.71
C PRO A 110 10.34 -11.86 -12.49
N TYR A 111 10.18 -13.06 -13.02
CA TYR A 111 11.12 -13.61 -13.99
C TYR A 111 10.73 -13.08 -15.36
N ILE A 112 11.62 -12.29 -15.97
CA ILE A 112 11.34 -11.70 -17.27
C ILE A 112 12.01 -12.57 -18.32
N GLN A 113 11.22 -13.32 -19.07
CA GLN A 113 11.76 -14.27 -20.04
C GLN A 113 12.45 -13.58 -21.23
N ASN A 114 11.81 -12.54 -21.76
CA ASN A 114 12.32 -11.84 -22.94
C ASN A 114 12.51 -10.33 -22.71
N PRO A 115 13.54 -9.94 -21.94
CA PRO A 115 13.73 -8.52 -21.64
C PRO A 115 13.89 -7.68 -22.89
N ASP A 116 13.34 -6.46 -22.85
CA ASP A 116 13.35 -5.58 -24.01
C ASP A 116 13.39 -4.14 -23.51
N PRO A 117 14.46 -3.80 -22.76
CA PRO A 117 14.50 -2.51 -22.08
C PRO A 117 14.37 -1.35 -23.06
N ALA A 118 13.53 -0.39 -22.72
CA ALA A 118 13.26 0.73 -23.60
C ALA A 118 12.76 1.89 -22.79
N VAL A 119 13.00 3.08 -23.32
CA VAL A 119 12.46 4.27 -22.73
C VAL A 119 11.69 5.15 -23.69
N TYR A 120 10.43 5.51 -23.38
CA TYR A 120 9.31 5.75 -24.34
C TYR A 120 9.02 7.17 -23.75
N GLN A 121 8.85 8.21 -24.55
CA GLN A 121 7.86 9.28 -24.33
C GLN A 121 6.40 9.20 -24.66
N LEU A 122 5.60 9.61 -23.67
CA LEU A 122 4.16 9.67 -23.82
C LEU A 122 3.54 11.00 -23.38
N ARG A 123 2.45 11.42 -23.99
CA ARG A 123 2.20 12.81 -24.36
C ARG A 123 0.77 12.82 -23.73
N ASP A 124 0.40 13.86 -22.98
CA ASP A 124 -1.01 14.08 -22.51
C ASP A 124 -1.85 13.79 -23.77
N SER A 125 -2.83 12.87 -23.78
CA SER A 125 -4.30 13.17 -23.85
C SER A 125 -4.95 14.56 -23.93
N LYS A 126 -5.06 15.27 -22.81
CA LYS A 126 -5.85 16.51 -22.74
C LYS A 126 -5.45 17.36 -21.54
N ASP A 129 1.28 19.21 -17.53
CA ASP A 129 2.71 19.55 -17.82
C ASP A 129 2.89 19.40 -19.35
N LYS A 130 2.95 18.11 -19.71
CA LYS A 130 2.63 17.59 -21.09
CA LYS A 130 2.68 17.60 -21.12
C LYS A 130 3.16 16.18 -21.51
N SER A 131 4.27 15.73 -20.92
CA SER A 131 4.77 14.37 -21.19
C SER A 131 5.33 13.65 -19.96
N VAL A 132 5.42 12.33 -20.06
CA VAL A 132 6.14 11.50 -19.09
C VAL A 132 7.08 10.56 -19.85
N CYS A 133 8.08 10.06 -19.14
CA CYS A 133 9.00 9.06 -19.67
C CYS A 133 8.75 7.74 -18.99
N LEU A 134 8.63 6.70 -19.81
CA LEU A 134 8.35 5.36 -19.32
C LEU A 134 9.52 4.45 -19.65
N PHE A 135 10.18 3.97 -18.60
CA PHE A 135 11.27 3.00 -18.74
C PHE A 135 10.60 1.66 -18.49
N THR A 136 10.66 0.76 -19.45
CA THR A 136 9.86 -0.47 -19.35
C THR A 136 10.58 -1.67 -19.94
N ASP A 137 10.15 -2.85 -19.51
CA ASP A 137 10.51 -4.14 -20.11
C ASP A 137 11.92 -4.58 -19.79
N PHE A 138 12.50 -3.97 -18.76
CA PHE A 138 13.83 -4.33 -18.28
C PHE A 138 13.77 -5.55 -17.36
N ASP A 139 14.91 -6.24 -17.25
CA ASP A 139 15.02 -7.40 -16.36
C ASP A 139 14.98 -6.94 -14.91
N SER A 140 14.63 -7.86 -14.01
CA SER A 140 14.40 -7.51 -12.63
C SER A 140 15.64 -7.12 -11.82
N GLN A 141 16.82 -7.43 -12.37
CA GLN A 141 18.09 -7.06 -11.74
C GLN A 141 18.39 -5.56 -11.86
N THR A 142 17.68 -4.87 -12.75
CA THR A 142 17.88 -3.43 -12.98
C THR A 142 17.35 -2.62 -11.81
N ASN A 143 18.18 -1.73 -11.29
CA ASN A 143 17.81 -0.86 -10.19
C ASN A 143 17.52 0.55 -10.68
N VAL A 144 16.42 1.11 -10.21
CA VAL A 144 16.02 2.47 -10.59
C VAL A 144 16.20 3.44 -9.42
N SER A 145 17.16 4.37 -9.54
CA SER A 145 17.26 5.54 -8.65
C SER A 145 16.02 6.37 -9.05
N GLN A 146 15.21 6.91 -8.10
CA GLN A 146 15.66 8.08 -7.22
C GLN A 146 16.61 9.09 -7.84
N SER A 147 16.02 10.25 -8.10
CA SER A 147 16.60 11.28 -8.95
C SER A 147 17.69 12.08 -8.21
N LYS A 148 18.63 12.66 -8.97
CA LYS A 148 19.44 13.75 -8.42
C LYS A 148 18.82 15.11 -8.09
N ASP A 149 18.47 15.87 -9.23
CA ASP A 149 17.36 16.88 -8.79
C ASP A 149 15.87 16.27 -8.59
N SER A 150 14.97 16.75 -7.65
CA SER A 150 14.77 18.19 -7.38
C SER A 150 13.58 18.64 -8.25
N ASP A 151 13.85 18.91 -9.52
CA ASP A 151 12.78 19.28 -10.45
C ASP A 151 12.16 18.06 -11.18
N VAL A 152 12.79 16.90 -11.05
CA VAL A 152 12.30 15.69 -11.74
C VAL A 152 11.95 14.55 -10.78
N TYR A 153 10.91 13.81 -11.13
CA TYR A 153 10.35 12.75 -10.29
C TYR A 153 10.51 11.41 -10.96
N ILE A 154 10.93 10.43 -10.18
CA ILE A 154 11.12 9.07 -10.67
C ILE A 154 10.48 8.08 -9.70
N THR A 155 9.52 7.32 -10.20
CA THR A 155 8.83 6.33 -9.38
C THR A 155 9.70 5.11 -9.13
N ASP A 156 9.31 4.32 -8.15
CA ASP A 156 9.89 2.99 -8.00
C ASP A 156 9.39 2.13 -9.14
N LYS A 157 9.99 0.96 -9.29
CA LYS A 157 9.51 0.01 -10.29
C LYS A 157 8.18 -0.59 -9.87
N CYS A 158 7.41 -1.01 -10.87
CA CYS A 158 6.06 -1.54 -10.67
C CYS A 158 5.98 -2.70 -11.66
N VAL A 159 5.43 -3.83 -11.22
CA VAL A 159 5.23 -4.99 -12.09
C VAL A 159 3.75 -5.08 -12.48
N LEU A 160 3.49 -5.08 -13.77
CA LEU A 160 2.15 -5.33 -14.30
C LEU A 160 2.07 -6.72 -14.94
N ASP A 161 0.87 -7.31 -14.90
CA ASP A 161 0.63 -8.66 -15.37
C ASP A 161 -0.52 -8.64 -16.35
N MET A 162 -0.20 -8.82 -17.63
CA MET A 162 -1.21 -8.94 -18.66
C MET A 162 -1.64 -10.40 -18.65
N ARG A 163 -2.67 -10.67 -17.85
CA ARG A 163 -3.02 -12.03 -17.42
C ARG A 163 -3.34 -12.96 -18.59
N SER A 164 -4.10 -12.46 -19.57
CA SER A 164 -4.50 -13.28 -20.70
C SER A 164 -3.34 -13.62 -21.64
N MET A 165 -2.33 -12.75 -21.67
CA MET A 165 -1.13 -12.98 -22.47
C MET A 165 -0.04 -13.72 -21.70
N ASP A 166 -0.30 -14.03 -20.42
CA ASP A 166 0.69 -14.64 -19.52
C ASP A 166 2.02 -13.87 -19.57
N PHE A 167 1.92 -12.55 -19.47
CA PHE A 167 3.05 -11.67 -19.71
C PHE A 167 3.18 -10.66 -18.58
N LYS A 168 4.35 -10.64 -17.94
CA LYS A 168 4.65 -9.63 -16.92
C LYS A 168 5.73 -8.68 -17.39
N SER A 169 5.67 -7.43 -16.93
CA SER A 169 6.70 -6.44 -17.25
C SER A 169 6.91 -5.46 -16.10
N ASN A 170 8.17 -5.05 -15.94
CA ASN A 170 8.57 -3.99 -15.03
C ASN A 170 8.49 -2.65 -15.74
N SER A 171 8.21 -1.60 -14.97
CA SER A 171 8.35 -0.24 -15.48
C SER A 171 8.58 0.74 -14.35
N ALA A 172 9.08 1.91 -14.72
CA ALA A 172 9.18 3.04 -13.84
C ALA A 172 8.85 4.26 -14.68
N VAL A 173 8.34 5.30 -14.03
CA VAL A 173 7.90 6.50 -14.72
C VAL A 173 8.73 7.69 -14.22
N ALA A 174 9.08 8.58 -15.13
CA ALA A 174 9.77 9.82 -14.76
C ALA A 174 9.14 11.01 -15.45
N TRP A 175 9.11 12.15 -14.76
CA TRP A 175 8.62 13.37 -15.37
C TRP A 175 9.19 14.59 -14.64
N SER A 176 9.00 15.76 -15.25
CA SER A 176 9.40 17.04 -14.66
C SER A 176 8.49 18.14 -15.15
N ASN A 177 8.41 19.23 -14.37
CA ASN A 177 7.67 20.42 -14.77
C ASN A 177 8.57 21.36 -15.56
N LYS A 178 9.88 21.17 -15.41
CA LYS A 178 10.90 22.04 -16.01
C LYS A 178 11.04 21.84 -17.52
N SER A 179 11.55 22.89 -18.18
CA SER A 179 11.68 22.95 -19.63
C SER A 179 12.81 22.09 -20.19
N ASP A 180 13.91 22.00 -19.45
CA ASP A 180 15.14 21.32 -19.90
C ASP A 180 15.00 19.80 -20.05
N PHE A 181 14.07 19.22 -19.31
CA PHE A 181 13.90 17.77 -19.19
C PHE A 181 13.70 17.02 -20.51
N ALA A 182 14.42 15.91 -20.67
CA ALA A 182 14.29 15.02 -21.81
C ALA A 182 14.35 13.56 -21.37
N CYS A 183 13.65 12.67 -22.09
CA CYS A 183 13.63 11.24 -21.76
C CYS A 183 14.98 10.56 -21.96
N ALA A 184 15.78 11.10 -22.88
CA ALA A 184 17.15 10.61 -23.12
C ALA A 184 18.03 10.69 -21.86
N ASN A 185 17.80 11.72 -21.05
CA ASN A 185 18.58 11.92 -19.82
C ASN A 185 17.82 11.59 -18.53
N ALA A 186 16.54 11.23 -18.68
CA ALA A 186 15.63 11.04 -17.54
C ALA A 186 16.17 10.09 -16.48
N PHE A 187 16.70 8.95 -16.92
CA PHE A 187 17.18 7.90 -16.04
C PHE A 187 18.72 7.85 -15.94
N ASN A 188 19.35 9.02 -16.10
CA ASN A 188 20.82 9.13 -16.07
C ASN A 188 21.49 8.64 -14.79
N ASN A 189 20.90 8.96 -13.63
CA ASN A 189 21.46 8.53 -12.35
C ASN A 189 21.15 7.07 -11.99
N SER A 190 20.57 6.34 -12.94
CA SER A 190 20.38 4.90 -12.83
C SER A 190 21.37 4.17 -13.75
N ILE A 191 21.78 2.97 -13.31
CA ILE A 191 22.55 2.08 -14.17
C ILE A 191 21.54 1.25 -14.99
N ILE A 192 21.37 1.63 -16.25
CA ILE A 192 20.41 0.98 -17.13
C ILE A 192 21.14 0.16 -18.20
N PRO A 193 20.48 -0.87 -18.77
CA PRO A 193 21.15 -1.71 -19.75
C PRO A 193 21.73 -0.90 -20.91
N GLU A 194 22.93 -1.26 -21.37
CA GLU A 194 23.56 -0.53 -22.48
C GLU A 194 22.76 -0.57 -23.79
N ASP A 195 21.83 -1.51 -23.87
CA ASP A 195 21.03 -1.73 -25.07
C ASP A 195 19.52 -1.76 -24.81
N THR A 196 18.98 -1.17 -23.74
CA THR A 196 18.15 0.06 -23.83
C THR A 196 17.87 0.78 -25.17
N PHE A 197 16.63 0.53 -25.64
CA PHE A 197 16.10 1.09 -26.86
C PHE A 197 15.57 2.50 -26.58
N PHE A 198 16.17 3.49 -27.23
CA PHE A 198 15.74 4.88 -27.15
C PHE A 198 15.24 5.34 -28.51
N PRO A 199 13.94 5.24 -28.75
CA PRO A 199 13.36 5.67 -30.03
C PRO A 199 13.48 7.19 -30.19
N SER A 200 13.54 7.70 -31.41
CA SER A 200 13.47 6.90 -32.64
C SER A 200 14.46 7.38 -33.70
N ASP B 1 -15.68 -10.00 2.37
CA ASP B 1 -14.74 -9.92 3.52
C ASP B 1 -15.16 -10.82 4.69
N ALA B 2 -14.48 -10.64 5.83
CA ALA B 2 -14.60 -11.53 6.98
C ALA B 2 -15.51 -10.98 8.09
N GLY B 3 -16.35 -10.02 7.72
CA GLY B 3 -17.34 -9.47 8.62
C GLY B 3 -16.89 -8.26 9.41
N ILE B 4 -15.60 -7.93 9.38
CA ILE B 4 -15.10 -6.75 10.10
C ILE B 4 -15.09 -5.53 9.20
N THR B 5 -15.75 -4.47 9.65
CA THR B 5 -15.85 -3.21 8.91
CA THR B 5 -15.79 -3.21 8.90
C THR B 5 -15.38 -2.05 9.78
N GLN B 6 -14.56 -1.16 9.24
CA GLN B 6 -14.14 0.07 9.94
C GLN B 6 -14.75 1.27 9.27
N SER B 7 -15.22 2.20 10.08
CA SER B 7 -15.77 3.44 9.54
C SER B 7 -15.37 4.63 10.41
N PRO B 8 -14.90 5.71 9.78
CA PRO B 8 -14.63 5.84 8.34
C PRO B 8 -13.35 5.08 7.95
N ARG B 9 -13.11 4.89 6.65
CA ARG B 9 -11.88 4.24 6.18
CA ARG B 9 -11.88 4.25 6.20
C ARG B 9 -10.77 5.28 6.00
N HIS B 10 -11.19 6.54 5.83
CA HIS B 10 -10.25 7.65 5.72
C HIS B 10 -10.83 8.84 6.43
N LYS B 11 -9.94 9.62 7.03
CA LYS B 11 -10.37 10.88 7.64
C LYS B 11 -9.20 11.83 7.72
N VAL B 12 -9.46 13.08 7.35
CA VAL B 12 -8.51 14.17 7.58
C VAL B 12 -9.23 15.28 8.30
N THR B 13 -8.63 15.77 9.36
CA THR B 13 -9.25 16.82 10.16
C THR B 13 -8.23 17.67 10.90
N GLU B 14 -8.72 18.72 11.55
CA GLU B 14 -7.86 19.67 12.22
C GLU B 14 -7.53 19.23 13.64
N THR B 15 -6.35 19.61 14.12
CA THR B 15 -6.02 19.39 15.52
C THR B 15 -7.10 20.00 16.40
N GLY B 16 -7.40 19.29 17.48
CA GLY B 16 -8.42 19.73 18.43
C GLY B 16 -9.81 19.19 18.15
N THR B 17 -10.00 18.57 16.99
CA THR B 17 -11.30 18.00 16.63
C THR B 17 -11.48 16.64 17.32
N PRO B 18 -12.65 16.38 17.90
CA PRO B 18 -12.93 15.02 18.40
C PRO B 18 -13.15 14.09 17.21
N VAL B 19 -12.62 12.87 17.31
CA VAL B 19 -12.74 11.89 16.23
C VAL B 19 -13.14 10.56 16.84
N THR B 20 -14.12 9.89 16.24
CA THR B 20 -14.48 8.52 16.62
C THR B 20 -14.35 7.59 15.44
N LEU B 21 -13.59 6.51 15.64
CA LEU B 21 -13.51 5.42 14.66
C LEU B 21 -14.35 4.24 15.14
N ARG B 22 -15.11 3.65 14.24
CA ARG B 22 -15.99 2.54 14.60
C ARG B 22 -15.49 1.23 14.01
N CYS B 23 -15.41 0.19 14.83
CA CYS B 23 -15.15 -1.17 14.36
C CYS B 23 -16.43 -1.97 14.55
N HIS B 24 -16.91 -2.60 13.48
CA HIS B 24 -18.09 -3.45 13.54
C HIS B 24 -17.75 -4.86 13.08
N GLN B 25 -18.28 -5.85 13.80
CA GLN B 25 -18.08 -7.26 13.43
C GLN B 25 -19.40 -8.03 13.34
N THR B 26 -19.34 -9.17 12.66
CA THR B 26 -20.48 -10.08 12.49
C THR B 26 -20.33 -11.39 13.26
N GLU B 27 -19.10 -11.76 13.60
CA GLU B 27 -18.83 -13.10 14.13
C GLU B 27 -19.02 -13.26 15.64
N ASN B 28 -19.47 -12.19 16.30
CA ASN B 28 -19.80 -12.20 17.73
CA ASN B 28 -19.83 -12.26 17.72
C ASN B 28 -18.66 -12.63 18.65
N HIS B 29 -17.44 -12.26 18.27
CA HIS B 29 -16.27 -12.53 19.11
C HIS B 29 -16.30 -11.72 20.40
N ARG B 30 -15.89 -12.36 21.49
CA ARG B 30 -15.88 -11.71 22.78
C ARG B 30 -14.89 -10.54 22.87
N TYR B 31 -13.75 -10.66 22.18
CA TYR B 31 -12.69 -9.67 22.30
C TYR B 31 -12.59 -8.80 21.07
N MET B 32 -12.36 -7.51 21.29
CA MET B 32 -12.07 -6.56 20.19
C MET B 32 -10.88 -5.72 20.59
N TYR B 33 -10.18 -5.21 19.58
CA TYR B 33 -8.88 -4.57 19.78
C TYR B 33 -8.76 -3.39 18.83
N TRP B 34 -8.13 -2.31 19.29
CA TRP B 34 -7.72 -1.22 18.41
C TRP B 34 -6.21 -1.04 18.43
N TYR B 35 -5.62 -1.01 17.24
CA TYR B 35 -4.18 -0.84 17.02
C TYR B 35 -3.89 0.40 16.19
N ARG B 36 -2.69 0.96 16.34
CA ARG B 36 -2.16 1.92 15.36
C ARG B 36 -0.88 1.35 14.79
N GLN B 37 -0.63 1.64 13.52
CA GLN B 37 0.54 1.16 12.79
C GLN B 37 1.27 2.37 12.22
N ASP B 38 2.48 2.60 12.72
CA ASP B 38 3.31 3.73 12.31
C ASP B 38 4.61 3.25 11.69
N PRO B 39 5.14 3.98 10.68
CA PRO B 39 6.41 3.57 10.06
C PRO B 39 7.50 3.35 11.11
N GLY B 40 8.25 2.26 10.95
CA GLY B 40 9.31 1.92 11.89
C GLY B 40 8.85 1.23 13.15
N HIS B 41 7.54 0.94 13.23
CA HIS B 41 6.97 0.26 14.38
C HIS B 41 6.07 -0.88 13.90
N GLY B 42 5.93 -1.89 14.74
CA GLY B 42 4.88 -2.88 14.53
C GLY B 42 3.54 -2.30 14.91
N LEU B 43 2.49 -3.07 14.67
CA LEU B 43 1.19 -2.76 15.23
C LEU B 43 1.33 -2.57 16.73
N ARG B 44 0.79 -1.48 17.24
CA ARG B 44 0.82 -1.24 18.68
C ARG B 44 -0.59 -1.11 19.22
N LEU B 45 -0.85 -1.82 20.31
CA LEU B 45 -2.19 -1.87 20.89
C LEU B 45 -2.53 -0.59 21.66
N ILE B 46 -3.68 -0.01 21.31
CA ILE B 46 -4.18 1.18 21.97
C ILE B 46 -5.07 0.81 23.18
N HIS B 47 -6.17 0.13 22.91
CA HIS B 47 -7.08 -0.39 23.94
C HIS B 47 -7.68 -1.68 23.43
N TYR B 48 -8.22 -2.49 24.34
CA TYR B 48 -8.96 -3.68 23.94
C TYR B 48 -10.16 -3.89 24.84
N SER B 49 -11.01 -4.80 24.42
CA SER B 49 -12.21 -5.13 25.16
C SER B 49 -12.35 -6.64 25.29
N TYR B 50 -12.72 -7.09 26.48
CA TYR B 50 -12.93 -8.50 26.75
C TYR B 50 -14.39 -8.85 27.06
N GLY B 51 -15.28 -7.97 26.65
CA GLY B 51 -16.72 -8.19 26.77
C GLY B 51 -17.43 -6.85 26.81
N VAL B 52 -18.76 -6.89 26.84
CA VAL B 52 -19.55 -5.66 26.87
C VAL B 52 -19.20 -4.86 28.14
N LYS B 53 -18.91 -3.57 27.95
CA LYS B 53 -18.53 -2.66 29.03
C LYS B 53 -17.24 -3.08 29.77
N ASP B 54 -16.47 -3.98 29.16
CA ASP B 54 -15.21 -4.43 29.73
C ASP B 54 -14.06 -4.03 28.82
N THR B 55 -13.27 -3.04 29.24
CA THR B 55 -12.16 -2.56 28.41
C THR B 55 -10.91 -2.38 29.24
N ASP B 56 -9.76 -2.42 28.58
CA ASP B 56 -8.49 -2.17 29.25
C ASP B 56 -7.49 -1.55 28.28
N LYS B 57 -6.44 -0.97 28.82
CA LYS B 57 -5.44 -0.25 28.05
C LYS B 57 -4.41 -1.16 27.40
N GLY B 58 -3.95 -0.75 26.23
CA GLY B 58 -2.74 -1.31 25.64
C GLY B 58 -1.55 -0.40 25.86
N GLU B 59 -0.45 -0.71 25.19
CA GLU B 59 0.82 0.02 25.29
C GLU B 59 0.75 1.52 24.93
N VAL B 60 -0.12 1.88 23.99
CA VAL B 60 -0.17 3.25 23.47
C VAL B 60 -1.54 3.86 23.67
N SER B 61 -2.13 3.59 24.83
CA SER B 61 -3.47 4.08 25.17
C SER B 61 -3.61 5.58 25.36
N ASP B 62 -2.50 6.25 25.65
CA ASP B 62 -2.61 7.67 25.96
C ASP B 62 -3.20 8.49 24.79
N GLY B 63 -4.20 9.30 25.10
CA GLY B 63 -4.84 10.17 24.13
C GLY B 63 -6.10 9.58 23.51
N TYR B 64 -6.45 8.37 23.95
CA TYR B 64 -7.62 7.66 23.40
C TYR B 64 -8.51 7.10 24.49
N SER B 65 -9.79 6.99 24.17
CA SER B 65 -10.73 6.23 24.98
CA SER B 65 -10.75 6.25 24.97
C SER B 65 -11.48 5.25 24.08
N VAL B 66 -12.10 4.24 24.70
CA VAL B 66 -12.91 3.29 23.95
C VAL B 66 -14.23 3.04 24.64
N SER B 67 -15.19 2.55 23.86
CA SER B 67 -16.45 2.06 24.42
C SER B 67 -16.86 0.78 23.72
N ARG B 68 -17.46 -0.11 24.50
CA ARG B 68 -17.98 -1.39 24.01
C ARG B 68 -19.37 -1.57 24.60
N SER B 69 -20.33 -0.85 24.05
CA SER B 69 -21.70 -0.88 24.57
C SER B 69 -22.43 -2.14 24.13
N LYS B 70 -21.93 -2.79 23.09
CA LYS B 70 -22.54 -4.01 22.57
C LYS B 70 -21.48 -4.91 21.98
N THR B 71 -21.81 -6.18 21.80
CA THR B 71 -20.85 -7.16 21.29
C THR B 71 -20.28 -6.75 19.94
N GLU B 72 -21.12 -6.16 19.09
CA GLU B 72 -20.75 -6.00 17.69
C GLU B 72 -19.84 -4.81 17.37
N ASP B 73 -19.81 -3.83 18.26
CA ASP B 73 -19.12 -2.56 17.99
C ASP B 73 -18.04 -2.26 19.02
N PHE B 74 -16.93 -1.70 18.55
CA PHE B 74 -15.90 -1.19 19.45
C PHE B 74 -15.46 0.16 18.93
N LEU B 75 -15.75 1.20 19.72
CA LEU B 75 -15.52 2.56 19.28
C LEU B 75 -14.27 3.17 19.89
N LEU B 76 -13.45 3.79 19.06
CA LEU B 76 -12.22 4.45 19.50
C LEU B 76 -12.41 5.94 19.38
N THR B 77 -12.19 6.66 20.48
CA THR B 77 -12.39 8.10 20.49
C THR B 77 -11.11 8.84 20.83
N LEU B 78 -10.82 9.85 20.00
CA LEU B 78 -9.78 10.84 20.25
C LEU B 78 -10.53 12.09 20.67
N GLU B 79 -10.42 12.46 21.95
CA GLU B 79 -11.20 13.58 22.47
C GLU B 79 -10.80 14.92 21.85
N SER B 80 -9.54 15.02 21.43
CA SER B 80 -9.03 16.27 20.86
C SER B 80 -7.81 15.88 20.05
N ALA B 81 -8.05 15.58 18.78
CA ALA B 81 -7.01 14.98 17.96
C ALA B 81 -5.72 15.78 17.96
N THR B 82 -4.59 15.10 18.11
CA THR B 82 -3.29 15.75 18.04
C THR B 82 -2.55 15.29 16.79
N SER B 83 -1.56 16.07 16.32
CA SER B 83 -0.86 15.68 15.08
CA SER B 83 -0.85 15.69 15.09
C SER B 83 -0.19 14.31 15.21
N SER B 84 0.32 13.99 16.40
CA SER B 84 0.96 12.69 16.63
C SER B 84 0.00 11.51 16.53
N GLN B 85 -1.31 11.78 16.53
CA GLN B 85 -2.31 10.72 16.33
C GLN B 85 -2.59 10.43 14.86
N THR B 86 -1.89 11.13 13.97
CA THR B 86 -1.86 10.74 12.57
C THR B 86 -1.28 9.33 12.49
N SER B 87 -2.02 8.40 11.89
CA SER B 87 -1.57 7.01 11.82
C SER B 87 -2.52 6.22 10.95
N VAL B 88 -2.22 4.92 10.81
CA VAL B 88 -3.18 3.99 10.22
C VAL B 88 -3.69 3.11 11.35
N TYR B 89 -5.01 3.07 11.51
CA TYR B 89 -5.64 2.37 12.62
C TYR B 89 -6.29 1.07 12.15
N PHE B 90 -6.02 -0.02 12.88
CA PHE B 90 -6.57 -1.32 12.56
C PHE B 90 -7.34 -1.85 13.75
N CYS B 91 -8.58 -2.26 13.52
CA CYS B 91 -9.24 -2.99 14.57
C CYS B 91 -9.11 -4.49 14.34
N ALA B 92 -9.31 -5.25 15.40
CA ALA B 92 -9.29 -6.70 15.29
C ALA B 92 -10.28 -7.29 16.27
N THR B 93 -10.62 -8.55 16.06
CA THR B 93 -11.46 -9.29 17.00
C THR B 93 -10.86 -10.66 17.22
N GLY B 94 -11.32 -11.33 18.27
CA GLY B 94 -10.88 -12.70 18.48
C GLY B 94 -11.55 -13.34 19.65
N THR B 95 -11.23 -14.62 19.83
CA THR B 95 -11.81 -15.39 20.92
C THR B 95 -11.04 -15.28 22.23
N GLY B 96 -9.87 -14.65 22.18
CA GLY B 96 -9.03 -14.47 23.37
C GLY B 96 -8.18 -15.66 23.76
N ASP B 97 -8.14 -16.68 22.90
CA ASP B 97 -7.37 -17.89 23.18
C ASP B 97 -5.89 -17.73 22.90
N SER B 98 -5.06 -18.50 23.60
CA SER B 98 -3.62 -18.37 23.46
C SER B 98 -3.13 -18.87 22.11
N ASN B 99 -3.90 -19.79 21.52
CA ASN B 99 -3.46 -20.51 20.33
C ASN B 99 -4.33 -20.27 19.08
N GLN B 100 -5.10 -19.19 19.10
CA GLN B 100 -5.90 -18.76 17.95
C GLN B 100 -5.57 -17.33 17.54
N PRO B 101 -5.59 -17.06 16.23
CA PRO B 101 -5.22 -15.74 15.75
C PRO B 101 -6.29 -14.69 16.00
N GLN B 102 -5.90 -13.44 15.84
CA GLN B 102 -6.84 -12.34 15.74
C GLN B 102 -7.28 -12.16 14.29
N HIS B 103 -8.43 -11.52 14.12
CA HIS B 103 -9.00 -11.27 12.81
C HIS B 103 -9.07 -9.77 12.65
N PHE B 104 -8.46 -9.25 11.59
CA PHE B 104 -8.27 -7.81 11.44
C PHE B 104 -9.19 -7.16 10.42
N GLY B 105 -9.50 -5.89 10.69
CA GLY B 105 -10.05 -4.99 9.69
C GLY B 105 -8.99 -4.47 8.73
N ASP B 106 -9.45 -3.77 7.70
CA ASP B 106 -8.55 -3.34 6.63
CA ASP B 106 -8.60 -3.30 6.59
C ASP B 106 -7.88 -2.01 6.89
N GLY B 107 -8.27 -1.36 7.98
CA GLY B 107 -7.55 -0.15 8.42
C GLY B 107 -8.23 1.14 8.06
N THR B 108 -7.81 2.19 8.75
CA THR B 108 -8.35 3.54 8.60
C THR B 108 -7.15 4.50 8.60
N ARG B 109 -6.99 5.28 7.53
CA ARG B 109 -5.94 6.28 7.50
C ARG B 109 -6.51 7.56 8.11
N LEU B 110 -5.83 8.05 9.15
CA LEU B 110 -6.25 9.27 9.82
C LEU B 110 -5.11 10.29 9.79
N SER B 111 -5.40 11.45 9.20
CA SER B 111 -4.47 12.56 9.13
C SER B 111 -5.02 13.70 9.98
N ILE B 112 -4.19 14.17 10.92
CA ILE B 112 -4.56 15.26 11.82
CA ILE B 112 -4.57 15.27 11.80
C ILE B 112 -3.58 16.40 11.58
N LEU B 113 -4.11 17.56 11.17
CA LEU B 113 -3.30 18.66 10.72
C LEU B 113 -3.59 19.92 11.53
N GLU B 114 -2.54 20.70 11.78
CA GLU B 114 -2.71 22.00 12.42
C GLU B 114 -3.40 22.97 11.48
N ASP B 115 -3.18 22.81 10.18
CA ASP B 115 -3.63 23.77 9.20
C ASP B 115 -4.28 23.04 8.02
N LEU B 116 -5.59 23.21 7.86
CA LEU B 116 -6.30 22.54 6.77
C LEU B 116 -5.97 23.10 5.40
N ASN B 117 -5.29 24.24 5.35
CA ASN B 117 -4.90 24.76 4.06
C ASN B 117 -3.77 23.94 3.42
N LYS B 118 -3.29 22.92 4.13
CA LYS B 118 -2.39 21.93 3.53
C LYS B 118 -3.11 20.84 2.72
N VAL B 119 -4.44 20.81 2.79
CA VAL B 119 -5.23 19.76 2.11
C VAL B 119 -5.50 20.18 0.67
N PHE B 120 -5.16 19.33 -0.29
CA PHE B 120 -5.37 19.60 -1.72
C PHE B 120 -5.87 18.33 -2.41
N PRO B 121 -6.83 18.46 -3.33
CA PRO B 121 -7.22 17.30 -4.15
C PRO B 121 -6.20 17.07 -5.26
N PRO B 122 -6.21 15.86 -5.85
CA PRO B 122 -5.33 15.59 -6.96
C PRO B 122 -5.82 16.29 -8.24
N GLU B 123 -4.85 16.61 -9.10
CA GLU B 123 -5.15 16.75 -10.52
C GLU B 123 -4.76 15.42 -11.16
N VAL B 124 -5.46 15.04 -12.21
CA VAL B 124 -5.25 13.74 -12.85
C VAL B 124 -5.08 13.95 -14.37
N ALA B 125 -4.13 13.23 -14.96
CA ALA B 125 -3.91 13.29 -16.41
C ALA B 125 -3.60 11.88 -16.90
N VAL B 126 -4.08 11.56 -18.10
CA VAL B 126 -3.75 10.31 -18.79
C VAL B 126 -2.81 10.61 -19.95
N PHE B 127 -1.73 9.84 -20.05
CA PHE B 127 -0.73 10.00 -21.10
C PHE B 127 -0.88 8.82 -22.05
N GLU B 128 -1.03 9.13 -23.34
CA GLU B 128 -1.40 8.14 -24.36
C GLU B 128 -0.18 7.32 -24.75
N PRO B 129 -0.39 6.09 -25.21
CA PRO B 129 0.77 5.25 -25.54
C PRO B 129 1.68 5.82 -26.62
N SER B 130 2.97 5.51 -26.46
CA SER B 130 4.00 5.84 -27.43
C SER B 130 3.80 5.02 -28.69
N GLU B 131 3.80 5.68 -29.84
CA GLU B 131 3.78 4.95 -31.12
C GLU B 131 5.03 4.07 -31.30
N ALA B 132 6.13 4.50 -30.70
CA ALA B 132 7.35 3.70 -30.76
C ALA B 132 7.20 2.42 -29.94
N GLU B 133 6.51 2.47 -28.79
CA GLU B 133 6.25 1.24 -28.04
C GLU B 133 5.40 0.30 -28.86
N ILE B 134 4.37 0.84 -29.48
CA ILE B 134 3.46 0.07 -30.30
C ILE B 134 4.23 -0.66 -31.41
N SER B 135 5.10 0.07 -32.10
CA SER B 135 5.88 -0.52 -33.21
C SER B 135 6.89 -1.56 -32.75
N HIS B 136 7.49 -1.31 -31.59
CA HIS B 136 8.57 -2.17 -31.08
C HIS B 136 8.06 -3.43 -30.40
N THR B 137 6.87 -3.36 -29.79
CA THR B 137 6.39 -4.42 -28.91
C THR B 137 4.99 -4.96 -29.21
N GLN B 138 4.23 -4.24 -30.03
CA GLN B 138 2.80 -4.52 -30.30
CA GLN B 138 2.81 -4.57 -30.28
C GLN B 138 1.94 -4.45 -29.01
N LYS B 139 2.44 -3.69 -28.04
CA LYS B 139 1.69 -3.40 -26.81
C LYS B 139 1.64 -1.90 -26.66
N ALA B 140 0.75 -1.44 -25.78
CA ALA B 140 0.47 -0.02 -25.64
C ALA B 140 0.24 0.28 -24.16
N THR B 141 1.13 1.07 -23.56
CA THR B 141 1.03 1.39 -22.14
C THR B 141 0.52 2.81 -21.98
N LEU B 142 -0.62 2.95 -21.30
CA LEU B 142 -1.12 4.25 -20.85
C LEU B 142 -0.57 4.53 -19.45
N VAL B 143 -0.29 5.80 -19.17
CA VAL B 143 0.13 6.20 -17.82
C VAL B 143 -0.85 7.22 -17.27
N CYS B 144 -1.23 7.02 -16.02
CA CYS B 144 -2.02 7.99 -15.29
C CYS B 144 -1.13 8.64 -14.25
N LEU B 145 -1.20 9.97 -14.14
CA LEU B 145 -0.52 10.69 -13.08
C LEU B 145 -1.50 11.47 -12.25
N ALA B 146 -1.49 11.21 -10.96
CA ALA B 146 -2.23 12.01 -10.04
C ALA B 146 -1.34 12.86 -9.17
N THR B 147 -1.52 14.18 -9.15
CA THR B 147 -0.43 15.11 -8.83
C THR B 147 -1.05 16.13 -7.83
N GLY B 148 -0.21 16.62 -6.92
CA GLY B 148 -0.58 17.75 -6.06
C GLY B 148 -1.54 17.50 -4.91
N PHE B 149 -1.70 16.23 -4.51
CA PHE B 149 -2.68 15.91 -3.47
C PHE B 149 -2.07 15.81 -2.08
N PHE B 150 -2.87 16.15 -1.07
CA PHE B 150 -2.48 15.96 0.33
C PHE B 150 -3.74 15.93 1.17
N PRO B 151 -3.85 14.99 2.14
CA PRO B 151 -2.91 13.93 2.47
C PRO B 151 -2.95 12.76 1.47
N ASP B 152 -2.20 11.70 1.76
CA ASP B 152 -2.14 10.52 0.89
CA ASP B 152 -2.14 10.53 0.89
C ASP B 152 -3.32 9.59 1.13
N HIS B 153 -4.52 10.08 0.91
CA HIS B 153 -5.72 9.29 1.07
C HIS B 153 -6.45 9.22 -0.26
N VAL B 154 -5.91 8.41 -1.15
CA VAL B 154 -6.44 8.27 -2.51
C VAL B 154 -6.58 6.81 -2.88
N GLU B 155 -7.51 6.55 -3.79
CA GLU B 155 -7.69 5.24 -4.41
C GLU B 155 -7.77 5.45 -5.93
N LEU B 156 -6.84 4.83 -6.66
CA LEU B 156 -6.76 4.99 -8.12
C LEU B 156 -7.29 3.71 -8.76
N SER B 157 -8.16 3.89 -9.76
CA SER B 157 -8.72 2.76 -10.51
C SER B 157 -8.75 3.09 -11.99
N TRP B 158 -8.73 2.05 -12.81
CA TRP B 158 -8.86 2.21 -14.26
C TRP B 158 -10.17 1.60 -14.73
N TRP B 159 -10.81 2.28 -15.67
CA TRP B 159 -12.12 1.88 -16.20
C TRP B 159 -12.03 1.87 -17.71
N VAL B 160 -12.33 0.72 -18.31
CA VAL B 160 -12.27 0.57 -19.76
C VAL B 160 -13.70 0.30 -20.23
N ASN B 161 -14.21 1.19 -21.07
CA ASN B 161 -15.58 1.04 -21.55
C ASN B 161 -16.58 0.87 -20.42
N GLY B 162 -16.37 1.62 -19.35
CA GLY B 162 -17.31 1.65 -18.24
C GLY B 162 -17.21 0.54 -17.22
N LYS B 163 -16.20 -0.32 -17.35
CA LYS B 163 -15.99 -1.43 -16.42
C LYS B 163 -14.58 -1.35 -15.81
N GLU B 164 -14.48 -1.61 -14.50
CA GLU B 164 -13.18 -1.54 -13.85
C GLU B 164 -12.28 -2.67 -14.34
N VAL B 165 -11.02 -2.35 -14.59
CA VAL B 165 -10.06 -3.38 -15.00
C VAL B 165 -8.92 -3.53 -13.98
N HIS B 166 -8.38 -4.74 -13.92
CA HIS B 166 -7.28 -5.02 -13.02
C HIS B 166 -6.12 -5.64 -13.77
N SER B 167 -6.44 -6.44 -14.78
CA SER B 167 -5.40 -7.03 -15.62
C SER B 167 -4.60 -5.97 -16.35
N GLY B 168 -3.28 -6.12 -16.37
CA GLY B 168 -2.41 -5.18 -17.08
C GLY B 168 -2.20 -3.84 -16.37
N VAL B 169 -2.60 -3.77 -15.10
CA VAL B 169 -2.47 -2.54 -14.31
C VAL B 169 -1.37 -2.67 -13.27
N CYS B 170 -0.60 -1.60 -13.08
CA CYS B 170 0.19 -1.49 -11.86
C CYS B 170 0.22 -0.06 -11.38
N THR B 171 -0.14 0.13 -10.11
CA THR B 171 -0.13 1.44 -9.48
C THR B 171 0.98 1.49 -8.45
N ASP B 172 1.74 2.58 -8.43
CA ASP B 172 2.82 2.73 -7.44
C ASP B 172 2.28 2.38 -6.05
N PRO B 173 2.99 1.50 -5.32
CA PRO B 173 2.60 1.18 -3.94
C PRO B 173 2.65 2.38 -2.99
N GLN B 174 3.60 3.29 -3.23
CA GLN B 174 3.70 4.49 -2.41
C GLN B 174 3.74 5.73 -3.29
N PRO B 175 3.13 6.84 -2.83
CA PRO B 175 3.26 8.09 -3.56
C PRO B 175 4.64 8.70 -3.36
N LEU B 176 5.02 9.61 -4.23
CA LEU B 176 6.24 10.36 -4.02
C LEU B 176 5.92 11.78 -3.60
N LYS B 177 6.81 12.36 -2.80
CA LYS B 177 6.65 13.75 -2.41
C LYS B 177 7.10 14.66 -3.52
N GLU B 178 6.26 15.62 -3.87
CA GLU B 178 6.64 16.57 -4.90
C GLU B 178 7.77 17.51 -4.43
N GLN B 179 7.84 17.73 -3.13
CA GLN B 179 8.91 18.54 -2.51
C GLN B 179 9.40 17.77 -1.29
N PRO B 180 10.34 16.83 -1.50
CA PRO B 180 10.72 15.90 -0.44
C PRO B 180 11.22 16.51 0.88
N ALA B 181 11.76 17.73 0.80
CA ALA B 181 12.26 18.42 1.99
C ALA B 181 11.26 19.39 2.63
N LEU B 182 10.00 19.35 2.19
CA LEU B 182 8.96 20.22 2.72
C LEU B 182 8.02 19.41 3.60
N ASN B 183 7.83 19.85 4.84
CA ASN B 183 6.82 19.23 5.69
C ASN B 183 5.44 19.33 5.07
N ASP B 184 4.75 18.19 5.08
CA ASP B 184 3.41 18.04 4.49
C ASP B 184 3.40 18.35 2.99
N SER B 185 4.49 17.99 2.32
CA SER B 185 4.57 18.08 0.88
C SER B 185 3.36 17.42 0.24
N ARG B 186 2.88 18.02 -0.85
CA ARG B 186 1.88 17.39 -1.69
C ARG B 186 2.55 16.20 -2.38
N TYR B 187 1.70 15.26 -2.81
CA TYR B 187 2.13 13.99 -3.35
C TYR B 187 1.79 13.82 -4.83
N ALA B 188 2.52 12.93 -5.49
CA ALA B 188 2.14 12.43 -6.81
C ALA B 188 2.14 10.91 -6.79
N LEU B 189 1.34 10.30 -7.68
CA LEU B 189 1.19 8.86 -7.76
C LEU B 189 0.98 8.54 -9.23
N SER B 190 1.66 7.49 -9.70
CA SER B 190 1.50 7.07 -11.09
C SER B 190 0.93 5.66 -11.17
N SER B 191 0.29 5.38 -12.29
CA SER B 191 -0.21 4.05 -12.58
C SER B 191 -0.06 3.79 -14.06
N ARG B 192 0.08 2.52 -14.42
CA ARG B 192 0.15 2.10 -15.82
C ARG B 192 -0.97 1.15 -16.11
N LEU B 193 -1.51 1.25 -17.32
CA LEU B 193 -2.42 0.24 -17.87
C LEU B 193 -1.83 -0.16 -19.22
N ARG B 194 -1.51 -1.44 -19.38
CA ARG B 194 -0.95 -1.91 -20.65
C ARG B 194 -1.96 -2.82 -21.34
N VAL B 195 -2.22 -2.53 -22.61
CA VAL B 195 -3.12 -3.30 -23.45
C VAL B 195 -2.40 -3.71 -24.74
N SER B 196 -3.00 -4.59 -25.53
CA SER B 196 -2.41 -4.87 -26.83
C SER B 196 -2.56 -3.67 -27.75
N ALA B 197 -1.66 -3.56 -28.71
CA ALA B 197 -1.73 -2.47 -29.67
C ALA B 197 -3.08 -2.48 -30.40
N THR B 198 -3.58 -3.67 -30.79
CA THR B 198 -4.87 -3.70 -31.48
C THR B 198 -6.02 -3.10 -30.66
N PHE B 199 -5.96 -3.29 -29.35
CA PHE B 199 -7.03 -2.78 -28.48
C PHE B 199 -6.96 -1.24 -28.39
N TRP B 200 -5.75 -0.69 -28.34
CA TRP B 200 -5.56 0.75 -28.39
C TRP B 200 -6.01 1.32 -29.74
N GLN B 201 -5.84 0.52 -30.80
CA GLN B 201 -6.19 0.96 -32.15
C GLN B 201 -7.67 0.80 -32.50
N ASN B 202 -8.52 1.13 -31.53
CA ASN B 202 -9.95 1.11 -31.72
C ASN B 202 -10.47 2.39 -31.13
N PRO B 203 -10.98 3.31 -31.99
CA PRO B 203 -11.43 4.61 -31.48
C PRO B 203 -12.69 4.53 -30.62
N ARG B 204 -13.31 3.35 -30.56
CA ARG B 204 -14.48 3.15 -29.71
C ARG B 204 -14.09 2.70 -28.29
N ASN B 205 -12.81 2.42 -28.06
CA ASN B 205 -12.34 2.03 -26.74
C ASN B 205 -11.99 3.25 -25.91
N HIS B 206 -12.55 3.29 -24.72
CA HIS B 206 -12.43 4.41 -23.81
C HIS B 206 -11.68 3.99 -22.57
N PHE B 207 -10.64 4.74 -22.22
CA PHE B 207 -9.75 4.43 -21.09
C PHE B 207 -9.80 5.56 -20.09
N ARG B 208 -10.23 5.28 -18.87
CA ARG B 208 -10.37 6.34 -17.88
C ARG B 208 -9.62 5.99 -16.61
N CYS B 209 -8.84 6.94 -16.10
CA CYS B 209 -8.21 6.80 -14.78
C CYS B 209 -8.98 7.66 -13.79
N GLN B 210 -9.38 7.01 -12.70
CA GLN B 210 -10.24 7.61 -11.67
C GLN B 210 -9.46 7.65 -10.35
N VAL B 211 -9.41 8.81 -9.72
CA VAL B 211 -8.82 8.90 -8.38
C VAL B 211 -9.86 9.42 -7.42
N GLN B 212 -10.24 8.57 -6.46
CA GLN B 212 -11.08 9.06 -5.35
C GLN B 212 -10.18 9.58 -4.25
N PHE B 213 -10.36 10.86 -3.95
CA PHE B 213 -9.62 11.54 -2.91
C PHE B 213 -10.54 11.71 -1.71
N TYR B 214 -10.04 11.33 -0.53
CA TYR B 214 -10.78 11.50 0.70
C TYR B 214 -10.28 12.74 1.41
N GLY B 215 -11.20 13.70 1.55
CA GLY B 215 -10.83 15.01 2.03
C GLY B 215 -11.73 15.51 3.14
N LEU B 216 -12.01 16.82 3.07
CA LEU B 216 -12.79 17.48 4.11
C LEU B 216 -14.29 17.26 3.92
N SER B 217 -15.04 17.47 4.99
CA SER B 217 -16.49 17.35 4.94
C SER B 217 -17.11 18.57 5.58
N GLU B 218 -18.43 18.52 5.79
CA GLU B 218 -19.20 19.71 6.21
C GLU B 218 -18.72 20.40 7.48
N ASN B 219 -18.31 19.61 8.47
CA ASN B 219 -17.96 20.15 9.79
C ASN B 219 -16.55 20.74 9.90
N ASP B 220 -15.74 20.51 8.86
CA ASP B 220 -14.42 21.13 8.80
C ASP B 220 -14.52 22.56 8.28
N GLU B 221 -13.79 23.47 8.91
CA GLU B 221 -13.79 24.88 8.53
C GLU B 221 -12.98 25.13 7.26
N TRP B 222 -13.47 26.01 6.39
CA TRP B 222 -12.73 26.41 5.19
C TRP B 222 -12.79 27.92 4.95
N THR B 223 -11.63 28.53 4.75
CA THR B 223 -11.55 29.98 4.53
C THR B 223 -10.69 30.41 3.34
N GLN B 224 -10.23 29.44 2.53
CA GLN B 224 -9.36 29.75 1.38
C GLN B 224 -10.15 30.12 0.11
N ASP B 225 -9.46 30.77 -0.82
CA ASP B 225 -10.04 31.17 -2.12
C ASP B 225 -10.46 29.95 -2.92
N ARG B 226 -9.53 28.99 -3.06
CA ARG B 226 -9.78 27.76 -3.82
C ARG B 226 -10.91 26.93 -3.24
N ALA B 227 -11.53 26.12 -4.09
CA ALA B 227 -12.64 25.28 -3.67
C ALA B 227 -12.23 24.40 -2.48
N LYS B 228 -13.14 24.27 -1.52
CA LYS B 228 -12.90 23.41 -0.36
C LYS B 228 -12.53 22.02 -0.88
N PRO B 229 -11.42 21.46 -0.39
CA PRO B 229 -10.95 20.13 -0.83
C PRO B 229 -11.72 18.98 -0.19
N VAL B 230 -12.98 18.88 -0.58
CA VAL B 230 -13.86 17.85 -0.10
C VAL B 230 -13.52 16.50 -0.73
N THR B 231 -14.03 15.42 -0.16
CA THR B 231 -13.95 14.11 -0.80
C THR B 231 -14.57 14.22 -2.19
N GLN B 232 -13.90 13.61 -3.17
CA GLN B 232 -14.31 13.79 -4.56
C GLN B 232 -13.55 12.82 -5.43
N ILE B 233 -14.13 12.52 -6.59
CA ILE B 233 -13.42 11.81 -7.64
C ILE B 233 -12.90 12.81 -8.68
N VAL B 234 -11.65 12.63 -9.06
CA VAL B 234 -11.05 13.39 -10.15
C VAL B 234 -10.63 12.35 -11.19
N SER B 235 -10.96 12.62 -12.44
CA SER B 235 -10.73 11.63 -13.48
C SER B 235 -10.11 12.25 -14.71
N ALA B 236 -9.43 11.42 -15.50
CA ALA B 236 -8.98 11.82 -16.84
C ALA B 236 -9.14 10.63 -17.76
N GLU B 237 -9.11 10.86 -19.06
CA GLU B 237 -9.45 9.81 -20.02
C GLU B 237 -8.72 9.96 -21.33
N ALA B 238 -8.71 8.86 -22.08
CA ALA B 238 -8.24 8.87 -23.47
C ALA B 238 -9.10 7.90 -24.25
N TRP B 239 -9.18 8.12 -25.55
CA TRP B 239 -9.84 7.18 -26.46
C TRP B 239 -8.78 6.62 -27.38
N GLY B 240 -9.01 5.38 -27.81
CA GLY B 240 -8.14 4.76 -28.80
C GLY B 240 -8.16 5.51 -30.11
N ARG B 241 -7.25 5.13 -30.99
CA ARG B 241 -7.10 5.82 -32.25
C ARG B 241 -6.88 4.78 -33.33
N ALA B 242 -7.71 4.82 -34.38
CA ALA B 242 -7.58 3.90 -35.50
C ALA B 242 -6.19 3.98 -36.09
N ASP B 243 -5.73 2.84 -36.56
CA ASP B 243 -4.41 2.71 -37.16
C ASP B 243 -4.21 3.52 -38.44
#